data_5OXM
#
_entry.id   5OXM
#
_cell.length_a   100.600
_cell.length_b   109.000
_cell.length_c   107.000
_cell.angle_alpha   90.00
_cell.angle_beta   90.00
_cell.angle_gamma   90.00
#
_symmetry.space_group_name_H-M   'C 2 2 21'
#
loop_
_entity.id
_entity.type
_entity.pdbx_description
1 polymer 'Di-or tripeptide:H+ symporter'
2 non-polymer 'PHOSPHATE ION'
3 non-polymer (2R)-2,3-DIHYDROXYPROPYL(7Z)-PENTADEC-7-ENOATE
4 non-polymer (2S)-2,3-DIHYDROXYPROPYL(7Z)-PENTADEC-7-ENOATE
5 non-polymer 'ASPARTIC ACID'
6 non-polymer 'GLUTAMIC ACID'
7 water water
#
_entity_poly.entity_id   1
_entity_poly.type   'polypeptide(L)'
_entity_poly.pdbx_seq_one_letter_code
;MEDKGKTFFGQPLGLSTLFMTEMWERFSYYGMRAILLYYMWFLISTGDLHITRATAASIMAIYASMVYLSGTIGGFVADR
IIGARPAVFWGGVLIMLGHIVLALPFGASALFGSIILIIIGTGFLKPNVSTLVGTLYDEHDRRRDAGFSIFVFGINLGAF
IAPLIVGAAQEAAGYHVAFSLAAIGMFIGLLVYYFGGKKTLDPHYLRPTDPLAPEEVKPLLVKVSLAVAGFIAIIVVMNL
VGWNSLPAYINLLTIVAIAIPVFYFAWMISSVKVTSTEHLRVVSYIPLFIAAVLFWAIEEQGSVVLATFAAERVDSSWFP
VSWFQSLNPLFIMLYTPFFAWLWTAWKKNQPSSPTKFAVGLMFAGLSFLLMAIPGALYGTSGKVSPLWLVGSWALVILGE
MLISPVGLSVTTKLAPKAFNSQMMSMWFLSSSVGSALNAQLVTLYNAKSEVAYFSYFGLGSVVLGIVLVFLSKRIQGLMQ
GVEAENLYFQ
;
_entity_poly.pdbx_strand_id   A
#
loop_
_chem_comp.id
_chem_comp.type
_chem_comp.name
_chem_comp.formula
78M non-polymer (2S)-2,3-DIHYDROXYPROPYL(7Z)-PENTADEC-7-ENOATE 'C18 H34 O4'
78N non-polymer (2R)-2,3-DIHYDROXYPROPYL(7Z)-PENTADEC-7-ENOATE 'C18 H34 O4'
PO4 non-polymer 'PHOSPHATE ION' 'O4 P -3'
#
# COMPACT_ATOMS: atom_id res chain seq x y z
N LYS A 6 -33.96 -1.83 7.17
CA LYS A 6 -32.91 -2.75 6.69
C LYS A 6 -31.72 -2.00 6.07
N THR A 7 -30.53 -2.33 6.57
CA THR A 7 -29.29 -1.64 6.25
C THR A 7 -28.10 -2.59 6.25
N PHE A 8 -26.93 -2.09 5.86
CA PHE A 8 -25.68 -2.82 6.08
C PHE A 8 -24.95 -2.18 7.26
N PHE A 9 -25.18 -2.73 8.45
CA PHE A 9 -24.67 -2.19 9.72
C PHE A 9 -25.10 -0.73 9.93
N GLY A 10 -26.36 -0.44 9.61
CA GLY A 10 -26.90 0.91 9.76
C GLY A 10 -26.77 1.74 8.49
N GLN A 11 -25.98 1.27 7.54
CA GLN A 11 -25.66 2.04 6.34
C GLN A 11 -26.52 1.59 5.14
N PRO A 12 -26.58 2.41 4.07
CA PRO A 12 -27.31 1.94 2.88
C PRO A 12 -26.72 0.62 2.36
N LEU A 13 -27.59 -0.26 1.87
CA LEU A 13 -27.18 -1.59 1.42
C LEU A 13 -26.07 -1.53 0.38
N GLY A 14 -26.03 -0.43 -0.35
CA GLY A 14 -25.00 -0.19 -1.33
C GLY A 14 -23.59 -0.25 -0.76
N LEU A 15 -23.48 -0.03 0.54
CA LEU A 15 -22.19 -0.14 1.20
C LEU A 15 -21.69 -1.58 1.14
N SER A 16 -22.60 -2.54 1.23
CA SER A 16 -22.21 -3.94 1.16
C SER A 16 -21.52 -4.23 -0.16
N THR A 17 -22.09 -3.74 -1.26
CA THR A 17 -21.51 -3.91 -2.59
C THR A 17 -20.07 -3.40 -2.65
N LEU A 18 -19.87 -2.17 -2.16
CA LEU A 18 -18.56 -1.54 -2.17
C LEU A 18 -17.63 -2.18 -1.13
N PHE A 19 -18.22 -2.57 0.00
CA PHE A 19 -17.51 -3.34 1.02
C PHE A 19 -16.91 -4.59 0.41
N MET A 20 -17.78 -5.37 -0.24
CA MET A 20 -17.39 -6.60 -0.90
C MET A 20 -16.35 -6.36 -2.01
N THR A 21 -16.64 -5.37 -2.85
CA THR A 21 -15.76 -5.02 -3.97
C THR A 21 -14.34 -4.77 -3.48
N GLU A 22 -14.21 -3.92 -2.48
CA GLU A 22 -12.90 -3.56 -1.97
C GLU A 22 -12.26 -4.70 -1.19
N MET A 23 -13.09 -5.47 -0.48
CA MET A 23 -12.59 -6.61 0.27
C MET A 23 -11.91 -7.62 -0.65
N TRP A 24 -12.53 -7.87 -1.79
CA TRP A 24 -12.00 -8.86 -2.72
C TRP A 24 -10.83 -8.32 -3.54
N GLU A 25 -10.80 -7.02 -3.78
CA GLU A 25 -9.63 -6.44 -4.45
C GLU A 25 -8.45 -6.49 -3.51
N ARG A 26 -8.66 -6.03 -2.27
CA ARG A 26 -7.62 -6.08 -1.26
C ARG A 26 -7.17 -7.53 -1.04
N PHE A 27 -8.10 -8.46 -1.12
CA PHE A 27 -7.78 -9.87 -1.07
C PHE A 27 -6.79 -10.23 -2.17
N SER A 28 -7.10 -9.83 -3.40
CA SER A 28 -6.27 -10.18 -4.53
C SER A 28 -4.89 -9.55 -4.39
N TYR A 29 -4.89 -8.33 -3.89
CA TYR A 29 -3.66 -7.56 -3.76
C TYR A 29 -2.73 -8.11 -2.67
N TYR A 30 -3.25 -8.26 -1.46
CA TYR A 30 -2.40 -8.74 -0.35
C TYR A 30 -2.15 -10.22 -0.44
N GLY A 31 -3.00 -10.94 -1.17
CA GLY A 31 -2.74 -12.34 -1.44
C GLY A 31 -1.51 -12.42 -2.32
N MET A 32 -1.45 -11.53 -3.31
CA MET A 32 -0.31 -11.41 -4.20
C MET A 32 0.93 -10.92 -3.44
N ARG A 33 0.74 -9.85 -2.66
CA ARG A 33 1.84 -9.26 -1.88
C ARG A 33 2.48 -10.27 -0.92
N ALA A 34 1.67 -11.14 -0.35
CA ALA A 34 2.14 -12.08 0.67
C ALA A 34 3.10 -13.13 0.12
N ILE A 35 3.01 -13.44 -1.17
CA ILE A 35 3.89 -14.47 -1.73
C ILE A 35 4.76 -13.98 -2.88
N LEU A 36 4.59 -12.73 -3.30
CA LEU A 36 5.34 -12.23 -4.46
C LEU A 36 6.83 -12.14 -4.19
N LEU A 37 7.21 -11.77 -2.96
CA LEU A 37 8.63 -11.70 -2.63
C LEU A 37 9.22 -13.11 -2.61
N TYR A 38 8.49 -14.05 -2.03
CA TYR A 38 8.95 -15.43 -1.96
C TYR A 38 9.00 -16.03 -3.36
N TYR A 39 8.06 -15.61 -4.21
CA TYR A 39 8.04 -16.04 -5.60
C TYR A 39 9.30 -15.59 -6.33
N MET A 40 9.69 -14.33 -6.14
CA MET A 40 10.90 -13.81 -6.76
C MET A 40 12.14 -14.51 -6.22
N TRP A 41 12.15 -14.81 -4.93
CA TRP A 41 13.20 -15.65 -4.35
C TRP A 41 13.29 -16.98 -5.10
N PHE A 42 12.14 -17.62 -5.28
CA PHE A 42 12.05 -18.89 -5.97
C PHE A 42 12.64 -18.79 -7.37
N LEU A 43 12.25 -17.73 -8.08
CA LEU A 43 12.72 -17.50 -9.44
C LEU A 43 14.22 -17.23 -9.48
N ILE A 44 14.72 -16.59 -8.42
CA ILE A 44 16.16 -16.36 -8.31
C ILE A 44 16.88 -17.67 -8.03
N SER A 45 16.31 -18.47 -7.13
CA SER A 45 16.96 -19.71 -6.70
C SER A 45 17.06 -20.70 -7.84
N THR A 46 16.09 -20.66 -8.75
CA THR A 46 16.07 -21.58 -9.89
C THR A 46 16.85 -21.02 -11.07
N GLY A 47 17.32 -19.78 -10.94
CA GLY A 47 18.14 -19.17 -11.97
C GLY A 47 17.34 -18.44 -13.04
N ASP A 48 16.04 -18.32 -12.83
CA ASP A 48 15.16 -17.69 -13.81
C ASP A 48 15.20 -16.17 -13.74
N LEU A 49 15.32 -15.65 -12.53
CA LEU A 49 15.37 -14.21 -12.30
C LEU A 49 16.76 -13.80 -11.82
N HIS A 50 17.46 -13.00 -12.63
CA HIS A 50 18.84 -12.64 -12.33
C HIS A 50 18.94 -11.33 -11.56
N ILE A 51 18.49 -11.35 -10.32
CA ILE A 51 18.66 -10.20 -9.41
C ILE A 51 19.08 -10.70 -8.05
N THR A 52 19.61 -9.81 -7.22
CA THR A 52 19.85 -10.16 -5.83
C THR A 52 18.53 -10.15 -5.07
N ARG A 53 18.50 -10.78 -3.89
CA ARG A 53 17.32 -10.73 -3.04
C ARG A 53 17.04 -9.30 -2.57
N ALA A 54 18.11 -8.54 -2.35
CA ALA A 54 18.00 -7.12 -2.01
C ALA A 54 17.20 -6.38 -3.07
N THR A 55 17.54 -6.61 -4.35
CA THR A 55 16.80 -6.01 -5.46
C THR A 55 15.35 -6.47 -5.43
N ALA A 56 15.14 -7.75 -5.18
CA ALA A 56 13.78 -8.30 -5.07
C ALA A 56 12.98 -7.53 -4.02
N ALA A 57 13.60 -7.36 -2.85
CA ALA A 57 13.01 -6.57 -1.78
C ALA A 57 12.69 -5.16 -2.29
N SER A 58 13.67 -4.54 -2.94
CA SER A 58 13.50 -3.21 -3.51
C SER A 58 12.34 -3.16 -4.50
N ILE A 59 12.18 -4.23 -5.28
CA ILE A 59 11.11 -4.32 -6.25
C ILE A 59 9.75 -4.27 -5.56
N MET A 60 9.61 -5.04 -4.49
CA MET A 60 8.39 -5.06 -3.69
C MET A 60 8.00 -3.67 -3.22
N ALA A 61 8.99 -2.93 -2.75
CA ALA A 61 8.76 -1.60 -2.21
C ALA A 61 8.34 -0.61 -3.29
N ILE A 62 9.09 -0.56 -4.38
CA ILE A 62 8.79 0.40 -5.44
C ILE A 62 7.47 0.04 -6.13
N TYR A 63 7.15 -1.25 -6.14
CA TYR A 63 5.89 -1.76 -6.66
C TYR A 63 4.76 -1.11 -5.87
N ALA A 64 4.80 -1.27 -4.55
CA ALA A 64 3.86 -0.61 -3.64
C ALA A 64 3.79 0.88 -3.90
N SER A 65 4.96 1.51 -4.02
CA SER A 65 5.06 2.95 -4.22
C SER A 65 4.31 3.40 -5.47
N MET A 66 4.51 2.67 -6.56
CA MET A 66 3.88 3.03 -7.82
C MET A 66 2.40 2.76 -7.79
N VAL A 67 2.00 1.75 -7.02
CA VAL A 67 0.58 1.44 -6.80
C VAL A 67 -0.14 2.61 -6.11
N TYR A 68 0.51 3.18 -5.10
CA TYR A 68 -0.09 4.29 -4.35
C TYR A 68 0.02 5.58 -5.13
N LEU A 69 1.10 5.73 -5.89
CA LEU A 69 1.25 6.88 -6.76
C LEU A 69 0.13 6.87 -7.81
N SER A 70 -0.06 5.71 -8.43
CA SER A 70 -1.14 5.51 -9.38
C SER A 70 -2.51 5.88 -8.79
N GLY A 71 -2.70 5.55 -7.52
CA GLY A 71 -3.93 5.87 -6.83
C GLY A 71 -4.16 7.36 -6.67
N THR A 72 -3.10 8.16 -6.79
CA THR A 72 -3.25 9.60 -6.62
C THR A 72 -3.80 10.29 -7.87
N ILE A 73 -3.78 9.60 -9.02
CA ILE A 73 -4.29 10.19 -10.26
C ILE A 73 -5.58 9.51 -10.68
N GLY A 74 -5.80 8.31 -10.14
CA GLY A 74 -6.97 7.53 -10.51
C GLY A 74 -8.27 8.24 -10.24
N GLY A 75 -8.32 8.97 -9.13
CA GLY A 75 -9.48 9.76 -8.79
C GLY A 75 -9.74 10.83 -9.84
N PHE A 76 -8.69 11.52 -10.27
CA PHE A 76 -8.79 12.53 -11.32
C PHE A 76 -9.35 11.93 -12.61
N VAL A 77 -8.77 10.81 -13.03
CA VAL A 77 -9.17 10.16 -14.27
C VAL A 77 -10.64 9.80 -14.24
N ALA A 78 -11.12 9.32 -13.10
CA ALA A 78 -12.54 8.99 -12.99
C ALA A 78 -13.40 10.26 -13.00
N ASP A 79 -13.03 11.23 -12.19
CA ASP A 79 -13.86 12.42 -12.01
C ASP A 79 -13.97 13.26 -13.26
N ARG A 80 -12.92 13.23 -14.08
CA ARG A 80 -12.84 14.16 -15.19
C ARG A 80 -12.98 13.49 -16.56
N ILE A 81 -12.71 12.19 -16.63
CA ILE A 81 -12.64 11.54 -17.94
C ILE A 81 -13.57 10.32 -18.11
N ILE A 82 -13.47 9.32 -17.23
CA ILE A 82 -14.19 8.07 -17.47
C ILE A 82 -15.30 7.71 -16.47
N GLY A 83 -15.43 8.47 -15.39
CA GLY A 83 -16.45 8.15 -14.39
C GLY A 83 -15.94 7.18 -13.34
N ALA A 84 -16.46 7.31 -12.12
CA ALA A 84 -15.99 6.50 -10.99
C ALA A 84 -16.35 5.03 -11.15
N ARG A 85 -17.57 4.76 -11.61
CA ARG A 85 -18.02 3.37 -11.74
C ARG A 85 -17.29 2.61 -12.85
N PRO A 86 -17.09 3.22 -14.03
CA PRO A 86 -16.25 2.50 -15.00
C PRO A 86 -14.80 2.35 -14.55
N ALA A 87 -14.27 3.33 -13.83
CA ALA A 87 -12.91 3.25 -13.31
C ALA A 87 -12.74 2.02 -12.43
N VAL A 88 -13.66 1.85 -11.50
CA VAL A 88 -13.61 0.71 -10.58
C VAL A 88 -13.70 -0.61 -11.34
N PHE A 89 -14.62 -0.70 -12.30
CA PHE A 89 -14.79 -1.94 -13.04
C PHE A 89 -13.55 -2.27 -13.84
N TRP A 90 -13.15 -1.35 -14.72
CA TRP A 90 -12.02 -1.58 -15.60
C TRP A 90 -10.75 -1.63 -14.80
N GLY A 91 -10.74 -0.94 -13.66
CA GLY A 91 -9.64 -1.05 -12.73
C GLY A 91 -9.53 -2.48 -12.25
N GLY A 92 -10.66 -3.04 -11.85
CA GLY A 92 -10.72 -4.41 -11.38
C GLY A 92 -10.32 -5.40 -12.45
N VAL A 93 -10.74 -5.14 -13.69
CA VAL A 93 -10.41 -6.03 -14.79
C VAL A 93 -8.90 -6.09 -14.99
N LEU A 94 -8.27 -4.91 -14.93
CA LEU A 94 -6.82 -4.83 -15.11
C LEU A 94 -6.08 -5.55 -13.99
N ILE A 95 -6.53 -5.37 -12.76
CA ILE A 95 -5.94 -6.07 -11.61
C ILE A 95 -6.02 -7.59 -11.80
N MET A 96 -7.20 -8.08 -12.13
CA MET A 96 -7.39 -9.51 -12.40
C MET A 96 -6.44 -10.01 -13.48
N LEU A 97 -6.30 -9.24 -14.55
CA LEU A 97 -5.38 -9.59 -15.62
C LEU A 97 -3.97 -9.66 -15.07
N GLY A 98 -3.63 -8.70 -14.22
CA GLY A 98 -2.34 -8.68 -13.57
C GLY A 98 -2.02 -9.99 -12.86
N HIS A 99 -3.00 -10.54 -12.16
CA HIS A 99 -2.80 -11.78 -11.39
C HIS A 99 -2.81 -13.01 -12.30
N ILE A 100 -3.66 -12.97 -13.32
CA ILE A 100 -3.74 -14.02 -14.31
C ILE A 100 -2.39 -14.17 -14.99
N VAL A 101 -1.74 -13.05 -15.24
CA VAL A 101 -0.42 -13.05 -15.88
C VAL A 101 0.59 -13.85 -15.06
N LEU A 102 0.46 -13.78 -13.74
CA LEU A 102 1.34 -14.55 -12.86
C LEU A 102 0.87 -16.00 -12.69
N ALA A 103 -0.38 -16.27 -13.04
CA ALA A 103 -0.91 -17.62 -12.94
C ALA A 103 -0.52 -18.45 -14.16
N LEU A 104 -0.22 -17.76 -15.26
CA LEU A 104 0.20 -18.40 -16.49
C LEU A 104 1.52 -19.13 -16.28
N PRO A 105 1.78 -20.19 -17.08
CA PRO A 105 3.01 -20.96 -16.93
C PRO A 105 4.23 -20.21 -17.41
N PHE A 106 4.44 -19.01 -16.89
CA PHE A 106 5.63 -18.23 -17.21
C PHE A 106 6.48 -17.97 -15.96
N GLY A 107 7.63 -17.36 -16.15
CA GLY A 107 8.51 -17.09 -15.02
C GLY A 107 8.75 -15.59 -14.86
N ALA A 108 10.02 -15.21 -14.78
CA ALA A 108 10.39 -13.83 -14.52
C ALA A 108 9.85 -12.87 -15.56
N SER A 109 9.71 -13.34 -16.80
CA SER A 109 9.33 -12.50 -17.93
C SER A 109 7.91 -11.94 -17.81
N ALA A 110 7.12 -12.51 -16.92
CA ALA A 110 5.73 -12.10 -16.75
C ALA A 110 5.56 -11.08 -15.63
N LEU A 111 6.61 -10.89 -14.84
CA LEU A 111 6.57 -10.01 -13.68
C LEU A 111 6.24 -8.56 -14.03
N PHE A 112 6.97 -8.00 -14.99
CA PHE A 112 6.78 -6.59 -15.34
C PHE A 112 5.36 -6.34 -15.81
N GLY A 113 4.85 -7.25 -16.64
CA GLY A 113 3.51 -7.14 -17.17
C GLY A 113 2.47 -7.15 -16.06
N SER A 114 2.61 -8.13 -15.18
CA SER A 114 1.74 -8.24 -14.01
C SER A 114 1.72 -6.95 -13.21
N ILE A 115 2.92 -6.47 -12.88
CA ILE A 115 3.08 -5.27 -12.07
C ILE A 115 2.43 -4.04 -12.71
N ILE A 116 2.67 -3.83 -14.00
CA ILE A 116 2.10 -2.69 -14.70
C ILE A 116 0.57 -2.74 -14.72
N LEU A 117 0.01 -3.91 -14.99
CA LEU A 117 -1.43 -4.11 -15.00
C LEU A 117 -2.04 -3.81 -13.64
N ILE A 118 -1.41 -4.30 -12.58
CA ILE A 118 -1.92 -4.08 -11.23
C ILE A 118 -1.69 -2.64 -10.78
N ILE A 119 -0.57 -2.04 -11.18
CA ILE A 119 -0.34 -0.62 -10.89
C ILE A 119 -1.43 0.25 -11.51
N ILE A 120 -1.68 0.05 -12.80
CA ILE A 120 -2.68 0.85 -13.48
C ILE A 120 -4.07 0.55 -12.93
N GLY A 121 -4.38 -0.73 -12.79
CA GLY A 121 -5.69 -1.16 -12.33
C GLY A 121 -6.03 -0.67 -10.93
N THR A 122 -5.07 -0.79 -10.02
CA THR A 122 -5.29 -0.37 -8.64
C THR A 122 -5.41 1.15 -8.57
N GLY A 123 -4.69 1.83 -9.46
CA GLY A 123 -4.81 3.27 -9.55
C GLY A 123 -6.22 3.66 -9.93
N PHE A 124 -6.84 2.86 -10.79
CA PHE A 124 -8.20 3.14 -11.24
C PHE A 124 -9.24 2.78 -10.18
N LEU A 125 -9.04 1.65 -9.52
CA LEU A 125 -10.04 1.10 -8.62
C LEU A 125 -10.01 1.70 -7.21
N LYS A 126 -8.84 1.68 -6.59
CA LYS A 126 -8.73 1.99 -5.16
C LYS A 126 -9.28 3.38 -4.76
N PRO A 127 -8.80 4.46 -5.41
CA PRO A 127 -9.31 5.77 -4.95
C PRO A 127 -10.79 5.93 -5.24
N ASN A 128 -11.24 5.30 -6.32
CA ASN A 128 -12.60 5.50 -6.79
C ASN A 128 -13.66 4.66 -6.08
N VAL A 129 -13.27 3.49 -5.58
CA VAL A 129 -14.20 2.71 -4.77
C VAL A 129 -14.47 3.47 -3.47
N SER A 130 -13.44 4.14 -2.94
CA SER A 130 -13.57 4.98 -1.75
C SER A 130 -14.50 6.14 -2.02
N THR A 131 -14.41 6.65 -3.25
CA THR A 131 -15.26 7.74 -3.71
C THR A 131 -16.73 7.33 -3.78
N LEU A 132 -16.98 6.12 -4.28
CA LEU A 132 -18.35 5.64 -4.44
C LEU A 132 -19.04 5.45 -3.08
N VAL A 133 -18.24 5.20 -2.05
CA VAL A 133 -18.77 5.07 -0.70
C VAL A 133 -19.36 6.41 -0.26
N GLY A 134 -18.69 7.50 -0.61
CA GLY A 134 -19.20 8.82 -0.31
C GLY A 134 -20.53 9.05 -0.97
N THR A 135 -20.67 8.52 -2.18
CA THR A 135 -21.85 8.77 -3.01
C THR A 135 -23.12 8.14 -2.46
N LEU A 136 -22.99 7.22 -1.51
CA LEU A 136 -24.13 6.57 -0.90
C LEU A 136 -24.86 7.53 0.02
N TYR A 137 -24.19 8.63 0.34
CA TYR A 137 -24.66 9.55 1.36
C TYR A 137 -24.97 10.94 0.84
N ASP A 138 -26.03 11.54 1.37
CA ASP A 138 -26.28 12.96 1.16
C ASP A 138 -25.19 13.75 1.87
N GLU A 139 -25.07 15.04 1.53
CA GLU A 139 -24.11 15.91 2.20
C GLU A 139 -24.34 15.91 3.70
N HIS A 140 -25.61 15.92 4.10
CA HIS A 140 -25.99 16.12 5.49
C HIS A 140 -26.08 14.82 6.29
N ASP A 141 -25.65 13.72 5.69
CA ASP A 141 -25.82 12.41 6.31
C ASP A 141 -24.79 12.13 7.40
N ARG A 142 -25.29 11.87 8.61
CA ARG A 142 -24.44 11.66 9.79
C ARG A 142 -23.71 10.32 9.74
N ARG A 143 -24.24 9.39 8.94
CA ARG A 143 -23.72 8.04 8.90
C ARG A 143 -22.37 7.91 8.18
N ARG A 144 -21.98 8.96 7.47
CA ARG A 144 -20.81 8.93 6.58
C ARG A 144 -19.54 8.40 7.23
N ASP A 145 -19.22 8.87 8.42
CA ASP A 145 -18.02 8.42 9.11
C ASP A 145 -18.08 6.94 9.48
N ALA A 146 -19.23 6.52 9.99
CA ALA A 146 -19.43 5.13 10.37
C ALA A 146 -19.37 4.24 9.14
N GLY A 147 -20.04 4.67 8.07
CA GLY A 147 -20.03 3.95 6.80
C GLY A 147 -18.63 3.67 6.28
N PHE A 148 -17.81 4.71 6.24
CA PHE A 148 -16.42 4.57 5.84
C PHE A 148 -15.66 3.66 6.81
N SER A 149 -15.95 3.80 8.11
CA SER A 149 -15.31 2.98 9.13
C SER A 149 -15.56 1.49 8.88
N ILE A 150 -16.80 1.15 8.50
CA ILE A 150 -17.15 -0.21 8.11
C ILE A 150 -16.41 -0.63 6.85
N PHE A 151 -16.46 0.22 5.84
CA PHE A 151 -15.77 0.02 4.58
C PHE A 151 -14.29 -0.30 4.80
N VAL A 152 -13.67 0.41 5.74
CA VAL A 152 -12.27 0.18 6.08
C VAL A 152 -12.08 -1.21 6.69
N PHE A 153 -13.06 -1.65 7.47
CA PHE A 153 -13.04 -3.00 8.05
C PHE A 153 -12.97 -4.05 6.95
N GLY A 154 -13.73 -3.86 5.87
CA GLY A 154 -13.70 -4.79 4.76
C GLY A 154 -12.37 -4.86 4.03
N ILE A 155 -11.68 -3.72 3.96
CA ILE A 155 -10.33 -3.67 3.40
C ILE A 155 -9.42 -4.67 4.10
N ASN A 156 -9.42 -4.61 5.42
CA ASN A 156 -8.56 -5.44 6.24
C ASN A 156 -9.06 -6.87 6.36
N LEU A 157 -10.37 -7.07 6.33
CA LEU A 157 -10.94 -8.40 6.26
C LEU A 157 -10.37 -9.15 5.05
N GLY A 158 -10.28 -8.43 3.92
CA GLY A 158 -9.75 -9.03 2.71
C GLY A 158 -8.27 -9.21 2.83
N ALA A 159 -7.61 -8.17 3.34
CA ALA A 159 -6.19 -8.20 3.60
C ALA A 159 -5.80 -9.29 4.58
N PHE A 160 -6.74 -9.70 5.43
CA PHE A 160 -6.43 -10.68 6.47
C PHE A 160 -6.50 -12.12 5.99
N ILE A 161 -7.58 -12.49 5.31
CA ILE A 161 -7.76 -13.87 4.92
C ILE A 161 -6.90 -14.25 3.71
N ALA A 162 -6.53 -13.25 2.91
CA ALA A 162 -5.78 -13.49 1.68
C ALA A 162 -4.45 -14.20 1.88
N PRO A 163 -3.60 -13.72 2.82
CA PRO A 163 -2.34 -14.45 3.02
C PRO A 163 -2.60 -15.88 3.49
N LEU A 164 -3.61 -16.04 4.32
CA LEU A 164 -3.99 -17.35 4.82
C LEU A 164 -4.32 -18.28 3.67
N ILE A 165 -5.31 -17.89 2.87
CA ILE A 165 -5.79 -18.71 1.76
C ILE A 165 -4.77 -18.85 0.63
N VAL A 166 -4.18 -17.75 0.20
CA VAL A 166 -3.24 -17.77 -0.92
C VAL A 166 -1.92 -18.44 -0.52
N GLY A 167 -1.46 -18.13 0.69
CA GLY A 167 -0.24 -18.75 1.19
C GLY A 167 -0.39 -20.25 1.30
N ALA A 168 -1.54 -20.68 1.83
CA ALA A 168 -1.85 -22.10 1.93
C ALA A 168 -1.90 -22.73 0.54
N ALA A 169 -2.58 -22.06 -0.37
CA ALA A 169 -2.68 -22.52 -1.74
C ALA A 169 -1.30 -22.68 -2.38
N GLN A 170 -0.44 -21.69 -2.17
CA GLN A 170 0.90 -21.71 -2.73
C GLN A 170 1.66 -22.93 -2.24
N GLU A 171 1.59 -23.16 -0.93
CA GLU A 171 2.26 -24.30 -0.31
C GLU A 171 1.70 -25.61 -0.86
N ALA A 172 0.39 -25.66 -0.97
CA ALA A 172 -0.29 -26.86 -1.46
C ALA A 172 -0.04 -27.11 -2.96
N ALA A 173 -0.33 -26.11 -3.79
CA ALA A 173 -0.40 -26.33 -5.23
C ALA A 173 0.61 -25.53 -6.07
N GLY A 174 1.45 -24.73 -5.43
CA GLY A 174 2.43 -23.95 -6.16
C GLY A 174 2.03 -22.49 -6.35
N TYR A 175 2.96 -21.71 -6.87
CA TYR A 175 2.76 -20.26 -7.02
C TYR A 175 1.70 -19.91 -8.06
N HIS A 176 1.76 -20.54 -9.24
CA HIS A 176 0.83 -20.21 -10.32
C HIS A 176 -0.62 -20.38 -9.88
N VAL A 177 -0.91 -21.49 -9.21
CA VAL A 177 -2.24 -21.73 -8.68
C VAL A 177 -2.58 -20.66 -7.65
N ALA A 178 -1.61 -20.36 -6.79
CA ALA A 178 -1.80 -19.36 -5.75
C ALA A 178 -2.15 -18.01 -6.36
N PHE A 179 -1.41 -17.60 -7.38
CA PHE A 179 -1.67 -16.33 -8.05
C PHE A 179 -3.01 -16.35 -8.77
N SER A 180 -3.40 -17.52 -9.27
CA SER A 180 -4.69 -17.66 -9.93
C SER A 180 -5.82 -17.40 -8.95
N LEU A 181 -5.58 -17.75 -7.69
CA LEU A 181 -6.55 -17.48 -6.64
C LEU A 181 -6.71 -15.99 -6.43
N ALA A 182 -5.62 -15.24 -6.56
CA ALA A 182 -5.71 -13.79 -6.47
C ALA A 182 -6.56 -13.25 -7.62
N ALA A 183 -6.35 -13.80 -8.81
CA ALA A 183 -7.14 -13.42 -9.97
C ALA A 183 -8.62 -13.71 -9.70
N ILE A 184 -8.88 -14.85 -9.07
CA ILE A 184 -10.25 -15.27 -8.79
C ILE A 184 -10.88 -14.37 -7.75
N GLY A 185 -10.08 -13.99 -6.74
CA GLY A 185 -10.51 -13.03 -5.74
C GLY A 185 -11.02 -11.76 -6.37
N MET A 186 -10.26 -11.21 -7.30
CA MET A 186 -10.66 -10.00 -8.01
C MET A 186 -11.90 -10.24 -8.86
N PHE A 187 -11.97 -11.41 -9.49
CA PHE A 187 -13.11 -11.77 -10.30
C PHE A 187 -14.39 -11.73 -9.46
N ILE A 188 -14.34 -12.35 -8.29
CA ILE A 188 -15.45 -12.32 -7.34
C ILE A 188 -15.86 -10.89 -7.02
N GLY A 189 -14.87 -10.04 -6.77
CA GLY A 189 -15.12 -8.63 -6.50
C GLY A 189 -15.82 -7.95 -7.66
N LEU A 190 -15.40 -8.28 -8.88
CA LEU A 190 -15.98 -7.70 -10.09
C LEU A 190 -17.45 -8.10 -10.23
N LEU A 191 -17.73 -9.38 -10.02
CA LEU A 191 -19.09 -9.91 -10.06
C LEU A 191 -20.03 -9.17 -9.13
N VAL A 192 -19.66 -9.13 -7.86
CA VAL A 192 -20.45 -8.42 -6.85
C VAL A 192 -20.54 -6.95 -7.20
N TYR A 193 -19.43 -6.37 -7.63
CA TYR A 193 -19.42 -4.95 -7.98
C TYR A 193 -20.33 -4.66 -9.16
N TYR A 194 -20.23 -5.47 -10.21
CA TYR A 194 -21.01 -5.22 -11.41
C TYR A 194 -22.49 -5.37 -11.17
N PHE A 195 -22.89 -6.52 -10.63
CA PHE A 195 -24.30 -6.81 -10.46
C PHE A 195 -24.89 -6.11 -9.24
N GLY A 196 -24.10 -5.99 -8.19
CA GLY A 196 -24.53 -5.29 -7.00
C GLY A 196 -24.60 -3.80 -7.25
N GLY A 197 -23.61 -3.28 -7.98
CA GLY A 197 -23.56 -1.86 -8.32
C GLY A 197 -24.76 -1.39 -9.12
N LYS A 198 -25.20 -2.20 -10.07
CA LYS A 198 -26.37 -1.90 -10.91
C LYS A 198 -27.64 -1.75 -10.08
N LYS A 199 -27.62 -2.28 -8.86
CA LYS A 199 -28.79 -2.25 -8.00
C LYS A 199 -28.74 -1.12 -6.98
N THR A 200 -27.53 -0.72 -6.60
CA THR A 200 -27.38 0.20 -5.48
C THR A 200 -26.80 1.56 -5.84
N LEU A 201 -25.90 1.58 -6.81
CA LEU A 201 -25.15 2.80 -7.12
C LEU A 201 -25.91 3.77 -8.04
N ASP A 202 -25.70 5.05 -7.80
CA ASP A 202 -26.32 6.12 -8.58
C ASP A 202 -25.76 6.10 -10.00
N PRO A 203 -26.65 6.08 -11.01
CA PRO A 203 -26.29 6.09 -12.43
C PRO A 203 -25.40 7.26 -12.83
N HIS A 204 -25.43 8.35 -12.07
CA HIS A 204 -24.67 9.55 -12.39
C HIS A 204 -23.18 9.27 -12.43
N TYR A 205 -22.75 8.24 -11.71
CA TYR A 205 -21.34 7.93 -11.59
C TYR A 205 -20.87 6.93 -12.65
N LEU A 206 -21.75 6.65 -13.61
CA LEU A 206 -21.35 5.92 -14.79
C LEU A 206 -20.53 6.84 -15.68
N ARG A 207 -20.63 8.15 -15.39
CA ARG A 207 -19.93 9.18 -16.15
C ARG A 207 -19.17 10.11 -15.20
N PRO A 208 -18.13 10.79 -15.73
CA PRO A 208 -17.42 11.82 -14.97
C PRO A 208 -18.35 12.91 -14.46
N THR A 209 -18.29 13.18 -13.16
CA THR A 209 -19.11 14.21 -12.54
C THR A 209 -18.57 15.62 -12.78
N ASP A 210 -17.30 15.67 -13.19
CA ASP A 210 -16.64 16.92 -13.52
C ASP A 210 -15.86 16.75 -14.82
N PRO A 211 -16.58 16.54 -15.94
CA PRO A 211 -15.89 16.30 -17.21
C PRO A 211 -15.03 17.48 -17.61
N LEU A 212 -13.87 17.18 -18.20
CA LEU A 212 -13.01 18.21 -18.77
C LEU A 212 -13.84 19.13 -19.65
N ALA A 213 -13.73 20.43 -19.40
CA ALA A 213 -14.31 21.42 -20.29
C ALA A 213 -13.53 21.37 -21.59
N PRO A 214 -14.15 21.82 -22.70
CA PRO A 214 -13.47 21.84 -24.01
C PRO A 214 -12.06 22.42 -23.98
N GLU A 215 -11.87 23.54 -23.29
CA GLU A 215 -10.58 24.22 -23.29
C GLU A 215 -9.57 23.60 -22.31
N GLU A 216 -10.00 22.59 -21.55
CA GLU A 216 -9.11 21.94 -20.59
C GLU A 216 -8.36 20.76 -21.19
N VAL A 217 -8.83 20.28 -22.34
CA VAL A 217 -8.27 19.07 -22.94
C VAL A 217 -6.83 19.25 -23.44
N LYS A 218 -6.60 20.25 -24.28
CA LYS A 218 -5.25 20.49 -24.80
C LYS A 218 -4.24 20.73 -23.69
N PRO A 219 -4.54 21.65 -22.73
CA PRO A 219 -3.57 21.86 -21.65
C PRO A 219 -3.21 20.58 -20.88
N LEU A 220 -4.21 19.74 -20.60
CA LEU A 220 -3.96 18.47 -19.94
C LEU A 220 -3.07 17.59 -20.80
N LEU A 221 -3.43 17.52 -22.08
CA LEU A 221 -2.70 16.74 -23.06
C LEU A 221 -1.25 17.19 -23.17
N VAL A 222 -1.04 18.49 -23.22
CA VAL A 222 0.31 19.05 -23.27
C VAL A 222 1.12 18.66 -22.02
N LYS A 223 0.49 18.75 -20.85
CA LYS A 223 1.12 18.41 -19.58
C LYS A 223 1.55 16.95 -19.49
N VAL A 224 0.63 16.04 -19.84
CA VAL A 224 0.93 14.61 -19.84
C VAL A 224 2.03 14.29 -20.85
N SER A 225 1.95 14.91 -22.03
CA SER A 225 2.92 14.66 -23.10
C SER A 225 4.33 15.09 -22.71
N LEU A 226 4.46 16.28 -22.13
CA LEU A 226 5.75 16.78 -21.68
C LEU A 226 6.33 15.90 -20.57
N ALA A 227 5.46 15.37 -19.73
CA ALA A 227 5.88 14.52 -18.63
C ALA A 227 6.41 13.18 -19.15
N VAL A 228 5.61 12.53 -19.97
CA VAL A 228 6.02 11.27 -20.59
C VAL A 228 7.29 11.45 -21.42
N ALA A 229 7.35 12.52 -22.22
CA ALA A 229 8.53 12.82 -23.01
C ALA A 229 9.75 13.05 -22.12
N GLY A 230 9.55 13.76 -21.02
CA GLY A 230 10.63 14.02 -20.08
C GLY A 230 11.11 12.72 -19.46
N PHE A 231 10.17 11.90 -19.03
CA PHE A 231 10.47 10.60 -18.43
C PHE A 231 11.19 9.69 -19.42
N ILE A 232 10.74 9.71 -20.66
CA ILE A 232 11.36 8.92 -21.71
C ILE A 232 12.77 9.43 -22.02
N ALA A 233 12.93 10.75 -21.99
CA ALA A 233 14.22 11.38 -22.25
C ALA A 233 15.25 11.02 -21.18
N ILE A 234 14.82 11.05 -19.92
CA ILE A 234 15.66 10.65 -18.81
C ILE A 234 16.13 9.21 -18.97
N ILE A 235 15.22 8.33 -19.38
CA ILE A 235 15.55 6.92 -19.57
C ILE A 235 16.52 6.72 -20.73
N VAL A 236 16.30 7.45 -21.82
CA VAL A 236 17.22 7.42 -22.95
C VAL A 236 18.61 7.82 -22.49
N VAL A 237 18.72 8.96 -21.80
CA VAL A 237 20.00 9.42 -21.27
C VAL A 237 20.60 8.38 -20.32
N MET A 238 19.77 7.81 -19.46
CA MET A 238 20.21 6.76 -18.54
C MET A 238 20.85 5.61 -19.29
N ASN A 239 20.28 5.27 -20.44
CA ASN A 239 20.74 4.10 -21.18
C ASN A 239 21.99 4.38 -21.97
N LEU A 240 22.13 5.61 -22.46
CA LEU A 240 23.32 6.00 -23.19
C LEU A 240 24.51 6.10 -22.24
N VAL A 241 24.28 6.55 -21.02
CA VAL A 241 25.37 6.69 -20.06
C VAL A 241 25.63 5.40 -19.30
N GLY A 242 24.81 4.37 -19.56
CA GLY A 242 25.02 3.06 -18.95
C GLY A 242 24.38 2.84 -17.59
N TRP A 243 23.50 3.74 -17.18
CA TRP A 243 22.76 3.59 -15.92
C TRP A 243 21.46 2.87 -16.16
N ASN A 244 21.55 1.63 -16.61
CA ASN A 244 20.39 0.92 -17.10
C ASN A 244 20.20 -0.43 -16.45
N SER A 245 20.72 -0.60 -15.24
CA SER A 245 20.44 -1.80 -14.46
C SER A 245 19.07 -1.63 -13.84
N LEU A 246 18.49 -2.74 -13.38
CA LEU A 246 17.20 -2.70 -12.69
C LEU A 246 17.22 -1.76 -11.47
N PRO A 247 18.27 -1.84 -10.62
CA PRO A 247 18.32 -0.88 -9.51
C PRO A 247 18.36 0.58 -9.97
N ALA A 248 18.98 0.84 -11.11
CA ALA A 248 18.99 2.18 -11.68
C ALA A 248 17.57 2.67 -11.99
N TYR A 249 16.77 1.79 -12.59
CA TYR A 249 15.38 2.10 -12.88
C TYR A 249 14.57 2.31 -11.62
N ILE A 250 14.89 1.52 -10.61
CA ILE A 250 14.20 1.63 -9.33
C ILE A 250 14.52 2.98 -8.70
N ASN A 251 15.77 3.43 -8.87
CA ASN A 251 16.21 4.72 -8.35
C ASN A 251 15.51 5.88 -9.06
N LEU A 252 15.34 5.75 -10.38
CA LEU A 252 14.61 6.74 -11.15
C LEU A 252 13.20 6.88 -10.59
N LEU A 253 12.52 5.75 -10.45
CA LEU A 253 11.19 5.69 -9.88
C LEU A 253 11.17 6.24 -8.45
N THR A 254 12.19 5.90 -7.67
CA THR A 254 12.35 6.44 -6.33
C THR A 254 12.37 7.95 -6.37
N ILE A 255 13.26 8.49 -7.19
CA ILE A 255 13.44 9.93 -7.30
C ILE A 255 12.18 10.63 -7.77
N VAL A 256 11.52 10.06 -8.77
CA VAL A 256 10.26 10.62 -9.26
C VAL A 256 9.22 10.70 -8.15
N ALA A 257 9.03 9.59 -7.45
CA ALA A 257 8.03 9.50 -6.39
C ALA A 257 8.29 10.48 -5.25
N ILE A 258 9.56 10.74 -4.97
CA ILE A 258 9.93 11.63 -3.86
C ILE A 258 10.00 13.09 -4.33
N ALA A 259 10.39 13.30 -5.58
CA ALA A 259 10.42 14.64 -6.14
C ALA A 259 9.03 15.27 -6.22
N ILE A 260 8.01 14.41 -6.41
CA ILE A 260 6.64 14.89 -6.58
C ILE A 260 6.12 15.69 -5.36
N PRO A 261 6.27 15.18 -4.13
CA PRO A 261 5.87 16.05 -3.02
C PRO A 261 6.83 17.21 -2.81
N VAL A 262 8.11 17.00 -3.11
CA VAL A 262 9.14 18.02 -2.94
C VAL A 262 8.83 19.24 -3.80
N PHE A 263 8.21 19.00 -4.94
CA PHE A 263 7.87 20.10 -5.84
C PHE A 263 6.66 20.87 -5.36
N TYR A 264 5.82 20.21 -4.57
CA TYR A 264 4.66 20.88 -3.99
C TYR A 264 5.12 21.71 -2.79
N PHE A 265 6.07 21.16 -2.03
CA PHE A 265 6.82 21.91 -1.03
C PHE A 265 7.18 23.30 -1.55
N ALA A 266 8.02 23.30 -2.58
CA ALA A 266 8.52 24.53 -3.19
C ALA A 266 7.40 25.39 -3.77
N TRP A 267 6.52 24.76 -4.56
CA TRP A 267 5.35 25.42 -5.15
C TRP A 267 4.70 26.37 -4.15
N MET A 268 4.51 25.90 -2.92
CA MET A 268 3.95 26.72 -1.86
C MET A 268 4.95 26.90 -0.72
N SER A 276 0.88 34.88 4.28
CA SER A 276 1.83 34.17 5.14
C SER A 276 1.14 33.31 6.17
N THR A 277 -0.18 33.48 6.30
CA THR A 277 -0.98 32.65 7.18
C THR A 277 -1.03 31.25 6.62
N GLU A 278 -1.67 31.13 5.46
CA GLU A 278 -1.75 29.88 4.71
C GLU A 278 -0.36 29.28 4.49
N HIS A 279 0.64 30.13 4.32
CA HIS A 279 2.04 29.71 4.29
C HIS A 279 2.39 28.83 5.49
N LEU A 280 2.39 29.42 6.69
CA LEU A 280 2.85 28.74 7.89
C LEU A 280 1.99 27.53 8.25
N ARG A 281 0.89 27.36 7.54
CA ARG A 281 0.03 26.20 7.68
C ARG A 281 0.40 25.12 6.66
N VAL A 282 0.92 25.55 5.51
CA VAL A 282 1.49 24.59 4.56
C VAL A 282 2.84 24.10 5.08
N VAL A 283 3.62 25.02 5.64
CA VAL A 283 4.90 24.66 6.25
C VAL A 283 4.68 23.75 7.44
N SER A 284 3.55 23.93 8.12
CA SER A 284 3.24 23.18 9.33
C SER A 284 2.90 21.72 8.99
N TYR A 285 2.54 21.48 7.74
CA TYR A 285 2.16 20.13 7.33
C TYR A 285 3.38 19.28 7.01
N ILE A 286 4.48 19.94 6.64
CA ILE A 286 5.73 19.26 6.27
C ILE A 286 6.26 18.27 7.33
N PRO A 287 6.32 18.69 8.61
CA PRO A 287 6.73 17.69 9.61
C PRO A 287 5.71 16.56 9.73
N LEU A 288 4.43 16.89 9.51
CA LEU A 288 3.38 15.89 9.54
C LEU A 288 3.50 14.94 8.36
N PHE A 289 3.74 15.50 7.18
CA PHE A 289 3.93 14.71 5.97
C PHE A 289 5.12 13.78 6.12
N ILE A 290 6.24 14.32 6.61
CA ILE A 290 7.44 13.52 6.83
C ILE A 290 7.12 12.39 7.80
N ALA A 291 6.34 12.71 8.83
CA ALA A 291 5.91 11.73 9.83
C ALA A 291 5.12 10.60 9.19
N ALA A 292 4.15 10.96 8.36
CA ALA A 292 3.34 9.96 7.66
C ALA A 292 4.20 9.10 6.74
N VAL A 293 5.07 9.75 5.98
CA VAL A 293 5.97 9.05 5.06
C VAL A 293 6.83 8.04 5.80
N LEU A 294 7.42 8.47 6.90
CA LEU A 294 8.26 7.59 7.69
C LEU A 294 7.44 6.46 8.30
N PHE A 295 6.23 6.78 8.74
CA PHE A 295 5.36 5.74 9.28
C PHE A 295 5.06 4.69 8.23
N TRP A 296 4.57 5.13 7.08
CA TRP A 296 4.18 4.20 6.03
C TRP A 296 5.39 3.41 5.55
N ALA A 297 6.54 4.08 5.51
CA ALA A 297 7.80 3.40 5.22
C ALA A 297 7.93 2.16 6.09
N ILE A 298 7.91 2.38 7.40
CA ILE A 298 8.00 1.29 8.36
C ILE A 298 6.86 0.28 8.19
N GLU A 299 5.63 0.78 8.09
CA GLU A 299 4.47 -0.09 7.97
C GLU A 299 4.55 -0.95 6.70
N GLU A 300 4.94 -0.32 5.59
CA GLU A 300 5.06 -1.01 4.32
C GLU A 300 6.23 -2.01 4.29
N GLN A 301 7.16 -1.87 5.24
CA GLN A 301 8.26 -2.82 5.30
C GLN A 301 7.81 -4.16 5.87
N GLY A 302 6.59 -4.22 6.37
CA GLY A 302 6.02 -5.47 6.87
C GLY A 302 6.03 -6.56 5.83
N SER A 303 5.73 -6.19 4.59
CA SER A 303 5.60 -7.16 3.51
C SER A 303 6.92 -7.40 2.80
N VAL A 304 7.97 -6.74 3.28
CA VAL A 304 9.29 -6.88 2.67
C VAL A 304 10.34 -7.32 3.69
N VAL A 305 10.71 -6.43 4.58
CA VAL A 305 11.72 -6.74 5.59
C VAL A 305 11.20 -7.76 6.59
N LEU A 306 10.00 -7.54 7.10
CA LEU A 306 9.41 -8.47 8.06
C LEU A 306 9.03 -9.78 7.39
N ALA A 307 8.61 -9.70 6.14
CA ALA A 307 8.38 -10.90 5.33
C ALA A 307 9.66 -11.69 5.23
N THR A 308 10.78 -10.99 5.03
CA THR A 308 12.09 -11.62 4.97
C THR A 308 12.48 -12.22 6.33
N PHE A 309 12.25 -11.47 7.40
CA PHE A 309 12.57 -11.95 8.74
C PHE A 309 11.76 -13.20 9.06
N ALA A 310 10.48 -13.15 8.72
CA ALA A 310 9.59 -14.28 8.90
C ALA A 310 10.14 -15.55 8.25
N ALA A 311 10.63 -15.42 7.01
CA ALA A 311 11.06 -16.58 6.24
C ALA A 311 12.44 -17.09 6.63
N GLU A 312 13.28 -16.21 7.18
CA GLU A 312 14.67 -16.56 7.41
C GLU A 312 15.04 -16.73 8.89
N ARG A 313 14.28 -16.10 9.78
CA ARG A 313 14.70 -15.99 11.17
C ARG A 313 13.69 -16.53 12.19
N VAL A 314 12.61 -17.12 11.71
CA VAL A 314 11.51 -17.51 12.59
C VAL A 314 11.27 -19.01 12.59
N ASP A 315 11.00 -19.56 13.77
CA ASP A 315 10.45 -20.91 13.90
C ASP A 315 9.06 -20.96 13.29
N SER A 316 8.97 -21.40 12.04
CA SER A 316 7.69 -21.37 11.33
C SER A 316 7.48 -22.58 10.43
N SER A 317 8.04 -23.73 10.81
CA SER A 317 8.05 -24.93 9.97
C SER A 317 6.68 -25.58 9.77
N TRP A 318 5.71 -25.18 10.59
CA TRP A 318 4.43 -25.88 10.64
C TRP A 318 3.30 -25.12 9.93
N PHE A 319 3.62 -23.92 9.43
CA PHE A 319 2.63 -23.13 8.71
C PHE A 319 3.31 -22.29 7.65
N PRO A 320 2.57 -21.91 6.59
CA PRO A 320 3.13 -21.03 5.56
C PRO A 320 3.56 -19.70 6.17
N VAL A 321 4.79 -19.30 5.84
CA VAL A 321 5.39 -18.12 6.43
C VAL A 321 4.71 -16.83 5.94
N SER A 322 4.08 -16.90 4.78
CA SER A 322 3.31 -15.78 4.23
C SER A 322 2.15 -15.37 5.13
N TRP A 323 1.77 -16.25 6.06
CA TRP A 323 0.65 -15.99 6.96
C TRP A 323 0.90 -14.86 7.94
N PHE A 324 2.17 -14.50 8.13
CA PHE A 324 2.53 -13.40 9.00
C PHE A 324 1.98 -12.08 8.46
N GLN A 325 1.74 -12.04 7.16
CA GLN A 325 1.17 -10.87 6.51
C GLN A 325 -0.27 -10.62 6.95
N SER A 326 -0.87 -11.61 7.63
CA SER A 326 -2.22 -11.47 8.14
C SER A 326 -2.25 -10.73 9.48
N LEU A 327 -1.09 -10.65 10.13
CA LEU A 327 -1.00 -10.02 11.44
C LEU A 327 -1.32 -8.53 11.36
N ASN A 328 -0.86 -7.90 10.29
CA ASN A 328 -1.09 -6.48 10.08
C ASN A 328 -2.60 -6.15 10.07
N PRO A 329 -3.36 -6.73 9.12
CA PRO A 329 -4.79 -6.38 9.15
C PRO A 329 -5.52 -6.96 10.35
N LEU A 330 -5.03 -8.06 10.91
CA LEU A 330 -5.64 -8.63 12.10
C LEU A 330 -5.68 -7.62 13.24
N PHE A 331 -4.56 -6.96 13.48
CA PHE A 331 -4.47 -6.02 14.58
C PHE A 331 -5.27 -4.76 14.32
N ILE A 332 -5.39 -4.36 13.06
CA ILE A 332 -6.24 -3.22 12.70
C ILE A 332 -7.66 -3.49 13.11
N MET A 333 -8.14 -4.67 12.76
CA MET A 333 -9.49 -5.08 13.08
C MET A 333 -9.67 -5.16 14.59
N LEU A 334 -8.62 -5.56 15.29
CA LEU A 334 -8.66 -5.66 16.74
C LEU A 334 -8.67 -4.28 17.41
N TYR A 335 -7.83 -3.38 16.93
CA TYR A 335 -7.70 -2.06 17.55
C TYR A 335 -8.88 -1.12 17.22
N THR A 336 -9.34 -1.10 15.96
CA THR A 336 -10.36 -0.14 15.51
C THR A 336 -11.58 -0.01 16.44
N PRO A 337 -12.14 -1.13 16.95
CA PRO A 337 -13.27 -0.89 17.86
C PRO A 337 -12.87 -0.12 19.10
N PHE A 338 -11.79 -0.54 19.74
CA PHE A 338 -11.29 0.13 20.93
C PHE A 338 -11.13 1.63 20.72
N PHE A 339 -10.50 2.02 19.61
CA PHE A 339 -10.25 3.42 19.33
C PHE A 339 -11.55 4.17 19.00
N ALA A 340 -12.57 3.46 18.54
CA ALA A 340 -13.89 4.08 18.47
C ALA A 340 -14.32 4.49 19.88
N TRP A 341 -14.38 3.51 20.78
CA TRP A 341 -14.77 3.76 22.18
C TRP A 341 -13.85 4.75 22.86
N LEU A 342 -12.66 4.97 22.29
CA LEU A 342 -11.62 5.78 22.95
C LEU A 342 -11.65 7.24 22.56
N TRP A 343 -11.82 7.52 21.27
CA TRP A 343 -11.78 8.90 20.80
C TRP A 343 -13.00 9.67 21.25
N THR A 344 -14.06 8.94 21.58
CA THR A 344 -15.28 9.55 22.11
C THR A 344 -15.19 9.67 23.62
N ALA A 345 -14.61 8.66 24.27
CA ALA A 345 -14.46 8.68 25.73
C ALA A 345 -13.49 9.76 26.14
N GLN A 350 -7.76 15.43 25.22
CA GLN A 350 -7.54 14.76 23.95
C GLN A 350 -6.25 15.28 23.30
N PRO A 351 -5.43 14.35 22.78
CA PRO A 351 -4.22 14.75 22.06
C PRO A 351 -4.53 15.50 20.78
N SER A 352 -3.73 16.51 20.45
CA SER A 352 -3.84 17.19 19.17
C SER A 352 -3.43 16.22 18.07
N SER A 353 -3.91 16.47 16.86
CA SER A 353 -3.59 15.59 15.72
C SER A 353 -2.09 15.52 15.39
N PRO A 354 -1.35 16.66 15.43
CA PRO A 354 0.10 16.51 15.22
C PRO A 354 0.75 15.62 16.27
N THR A 355 0.32 15.74 17.53
CA THR A 355 0.80 14.87 18.60
C THR A 355 0.50 13.43 18.25
N LYS A 356 -0.67 13.18 17.69
CA LYS A 356 -1.06 11.84 17.26
C LYS A 356 -0.11 11.28 16.20
N PHE A 357 0.38 12.15 15.33
CA PHE A 357 1.35 11.73 14.31
C PHE A 357 2.68 11.32 14.94
N ALA A 358 3.17 12.14 15.86
CA ALA A 358 4.40 11.84 16.59
C ALA A 358 4.31 10.46 17.21
N VAL A 359 3.29 10.24 18.03
CA VAL A 359 3.16 9.00 18.78
C VAL A 359 2.92 7.81 17.87
N GLY A 360 2.15 8.02 16.80
CA GLY A 360 1.96 6.99 15.80
C GLY A 360 3.30 6.56 15.23
N LEU A 361 4.14 7.55 14.93
CA LEU A 361 5.48 7.32 14.42
C LEU A 361 6.38 6.70 15.48
N MET A 362 6.17 7.11 16.73
CA MET A 362 6.90 6.52 17.86
C MET A 362 6.64 5.03 17.97
N PHE A 363 5.39 4.63 17.81
CA PHE A 363 5.01 3.23 17.89
C PHE A 363 5.55 2.43 16.71
N ALA A 364 5.62 3.06 15.54
CA ALA A 364 6.28 2.43 14.41
C ALA A 364 7.73 2.21 14.77
N GLY A 365 8.37 3.25 15.30
CA GLY A 365 9.74 3.17 15.76
C GLY A 365 9.94 2.03 16.74
N LEU A 366 9.04 1.92 17.72
CA LEU A 366 9.12 0.87 18.73
C LEU A 366 8.94 -0.51 18.12
N SER A 367 8.13 -0.61 17.08
CA SER A 367 7.89 -1.89 16.42
C SER A 367 9.18 -2.40 15.78
N PHE A 368 10.09 -1.49 15.42
CA PHE A 368 11.36 -1.86 14.85
C PHE A 368 12.44 -2.04 15.93
N LEU A 369 12.39 -1.20 16.96
CA LEU A 369 13.35 -1.34 18.06
C LEU A 369 13.17 -2.70 18.71
N LEU A 370 11.92 -3.12 18.82
CA LEU A 370 11.60 -4.45 19.33
C LEU A 370 12.30 -5.53 18.52
N MET A 371 12.25 -5.40 17.19
CA MET A 371 12.80 -6.40 16.28
C MET A 371 14.32 -6.51 16.37
N ALA A 372 14.95 -5.46 16.89
CA ALA A 372 16.40 -5.46 17.10
C ALA A 372 16.78 -6.44 18.21
N ILE A 373 15.85 -6.69 19.13
CA ILE A 373 16.15 -7.43 20.34
C ILE A 373 16.48 -8.92 20.11
N PRO A 374 15.66 -9.65 19.32
CA PRO A 374 16.01 -11.07 19.18
C PRO A 374 17.39 -11.29 18.58
N GLY A 375 17.79 -10.45 17.62
CA GLY A 375 19.11 -10.57 17.04
C GLY A 375 20.20 -10.17 18.03
N ALA A 376 19.92 -9.16 18.83
CA ALA A 376 20.92 -8.66 19.77
C ALA A 376 21.09 -9.64 20.94
N LEU A 377 20.03 -10.38 21.22
CA LEU A 377 20.01 -11.33 22.33
C LEU A 377 20.39 -12.74 21.89
N TYR A 378 19.90 -13.16 20.75
CA TYR A 378 20.04 -14.55 20.32
C TYR A 378 21.01 -14.76 19.18
N GLY A 379 21.48 -13.66 18.58
CA GLY A 379 22.27 -13.75 17.38
C GLY A 379 21.33 -13.78 16.19
N THR A 380 21.87 -13.62 14.98
CA THR A 380 21.02 -13.54 13.81
C THR A 380 21.14 -14.76 12.90
N SER A 381 21.91 -15.75 13.33
CA SER A 381 22.15 -16.95 12.55
C SER A 381 21.16 -18.08 12.88
N GLY A 382 20.45 -17.91 13.98
CA GLY A 382 19.50 -18.92 14.43
C GLY A 382 18.08 -18.48 14.17
N LYS A 383 17.12 -19.15 14.80
CA LYS A 383 15.72 -18.76 14.65
C LYS A 383 15.04 -18.42 15.98
N VAL A 384 14.13 -17.46 15.93
CA VAL A 384 13.48 -16.94 17.12
C VAL A 384 11.96 -17.17 17.10
N SER A 385 11.30 -16.85 18.20
CA SER A 385 9.85 -17.00 18.28
C SER A 385 9.12 -16.09 17.29
N PRO A 386 8.05 -16.59 16.68
CA PRO A 386 7.13 -15.76 15.88
C PRO A 386 6.55 -14.60 16.67
N LEU A 387 6.52 -14.71 18.00
CA LEU A 387 5.90 -13.68 18.83
C LEU A 387 6.58 -12.32 18.68
N TRP A 388 7.87 -12.34 18.37
CA TRP A 388 8.59 -11.12 18.06
C TRP A 388 7.90 -10.33 16.94
N LEU A 389 7.55 -11.04 15.86
CA LEU A 389 6.88 -10.40 14.74
C LEU A 389 5.47 -9.99 15.13
N VAL A 390 4.81 -10.83 15.92
CA VAL A 390 3.47 -10.55 16.40
C VAL A 390 3.46 -9.26 17.21
N GLY A 391 4.43 -9.13 18.11
CA GLY A 391 4.60 -7.92 18.89
C GLY A 391 4.95 -6.74 18.03
N SER A 392 5.83 -6.95 17.06
CA SER A 392 6.23 -5.91 16.13
C SER A 392 5.02 -5.33 15.40
N TRP A 393 4.20 -6.19 14.82
CA TRP A 393 3.03 -5.71 14.10
C TRP A 393 2.02 -5.09 15.06
N ALA A 394 1.89 -5.66 16.26
CA ALA A 394 1.00 -5.11 17.27
C ALA A 394 1.33 -3.65 17.56
N LEU A 395 2.62 -3.34 17.59
CA LEU A 395 3.08 -1.97 17.86
C LEU A 395 2.87 -1.02 16.69
N VAL A 396 3.19 -1.47 15.48
CA VAL A 396 3.11 -0.57 14.33
C VAL A 396 1.65 -0.30 14.00
N ILE A 397 0.79 -1.29 14.22
CA ILE A 397 -0.62 -1.14 13.91
C ILE A 397 -1.25 -0.23 14.96
N LEU A 398 -0.71 -0.28 16.17
CA LEU A 398 -1.11 0.63 17.23
C LEU A 398 -0.82 2.04 16.75
N GLY A 399 0.35 2.21 16.14
CA GLY A 399 0.72 3.48 15.55
C GLY A 399 -0.22 3.88 14.41
N GLU A 400 -0.73 2.90 13.69
CA GLU A 400 -1.56 3.19 12.52
C GLU A 400 -2.86 3.85 12.95
N MET A 401 -3.44 3.34 14.03
CA MET A 401 -4.63 3.96 14.59
C MET A 401 -4.44 5.42 14.91
N LEU A 402 -3.24 5.78 15.34
CA LEU A 402 -3.00 7.14 15.77
C LEU A 402 -2.88 8.09 14.59
N ILE A 403 -2.20 7.65 13.53
CA ILE A 403 -1.98 8.48 12.36
C ILE A 403 -2.97 8.27 11.22
N SER A 404 -3.46 7.04 11.01
CA SER A 404 -4.29 6.80 9.83
C SER A 404 -5.69 7.47 9.91
N PRO A 405 -6.52 7.17 10.93
CA PRO A 405 -7.81 7.89 11.00
C PRO A 405 -7.72 9.42 11.11
N VAL A 406 -6.54 9.96 11.44
CA VAL A 406 -6.36 11.40 11.52
C VAL A 406 -5.51 11.90 10.36
N MET A 424 -4.49 17.54 0.32
CA MET A 424 -5.06 16.20 0.44
C MET A 424 -4.24 15.19 -0.34
N SER A 425 -3.78 15.59 -1.52
CA SER A 425 -3.00 14.71 -2.39
C SER A 425 -1.73 14.23 -1.70
N MET A 426 -1.04 15.15 -1.02
CA MET A 426 0.19 14.80 -0.33
C MET A 426 -0.04 13.70 0.71
N TRP A 427 -1.25 13.61 1.23
CA TRP A 427 -1.55 12.62 2.25
C TRP A 427 -1.49 11.19 1.69
N PHE A 428 -2.25 10.91 0.65
CA PHE A 428 -2.23 9.58 0.02
C PHE A 428 -0.90 9.39 -0.74
N LEU A 429 -0.20 10.50 -0.97
CA LEU A 429 1.11 10.47 -1.59
C LEU A 429 2.17 9.99 -0.60
N SER A 430 1.93 10.25 0.68
CA SER A 430 2.89 9.94 1.75
C SER A 430 3.24 8.47 1.76
N SER A 431 2.24 7.62 1.54
CA SER A 431 2.45 6.18 1.52
C SER A 431 3.26 5.75 0.29
N SER A 432 3.15 6.50 -0.79
CA SER A 432 3.93 6.18 -1.98
C SER A 432 5.38 6.57 -1.77
N VAL A 433 5.58 7.72 -1.14
CA VAL A 433 6.91 8.21 -0.82
C VAL A 433 7.61 7.29 0.20
N GLY A 434 6.84 6.83 1.19
CA GLY A 434 7.35 5.89 2.17
C GLY A 434 7.85 4.62 1.50
N SER A 435 7.09 4.12 0.54
CA SER A 435 7.49 2.90 -0.16
C SER A 435 8.68 3.15 -1.08
N ALA A 436 8.73 4.35 -1.64
CA ALA A 436 9.86 4.75 -2.48
C ALA A 436 11.14 4.79 -1.66
N LEU A 437 11.06 5.43 -0.50
CA LEU A 437 12.14 5.43 0.47
C LEU A 437 12.54 3.99 0.83
N ASN A 438 11.53 3.14 0.98
CA ASN A 438 11.74 1.73 1.28
C ASN A 438 12.51 1.01 0.18
N ALA A 439 12.25 1.38 -1.07
CA ALA A 439 12.92 0.76 -2.21
C ALA A 439 14.42 0.93 -2.07
N GLN A 440 14.81 2.02 -1.44
CA GLN A 440 16.21 2.27 -1.12
C GLN A 440 16.64 1.51 0.14
N LEU A 441 15.86 1.67 1.22
CA LEU A 441 16.29 1.23 2.54
C LEU A 441 16.28 -0.30 2.77
N VAL A 442 15.29 -0.99 2.23
CA VAL A 442 15.19 -2.43 2.44
C VAL A 442 16.33 -3.21 1.79
N THR A 443 17.07 -2.60 0.88
CA THR A 443 18.22 -3.27 0.25
C THR A 443 19.38 -3.34 1.23
N LEU A 444 19.26 -2.60 2.33
CA LEU A 444 20.27 -2.61 3.38
C LEU A 444 20.02 -3.74 4.37
N TYR A 445 18.84 -4.36 4.29
CA TYR A 445 18.49 -5.39 5.27
C TYR A 445 18.99 -6.78 4.92
N ASN A 446 19.71 -7.38 5.86
CA ASN A 446 20.12 -8.78 5.79
C ASN A 446 20.55 -9.22 7.19
N ALA A 447 20.92 -10.49 7.34
CA ALA A 447 21.26 -11.04 8.65
C ALA A 447 22.39 -10.28 9.34
N LYS A 448 23.37 -9.84 8.56
CA LYS A 448 24.52 -9.15 9.10
C LYS A 448 24.15 -7.77 9.62
N SER A 449 23.19 -7.13 8.97
CA SER A 449 22.85 -5.74 9.30
C SER A 449 21.58 -5.65 10.15
N GLU A 450 20.89 -6.79 10.29
CA GLU A 450 19.57 -6.87 10.92
C GLU A 450 19.40 -6.01 12.18
N VAL A 451 20.29 -6.19 13.16
CA VAL A 451 20.13 -5.52 14.43
C VAL A 451 20.32 -4.02 14.28
N ALA A 452 21.38 -3.63 13.59
CA ALA A 452 21.65 -2.22 13.32
C ALA A 452 20.52 -1.58 12.53
N TYR A 453 20.04 -2.30 11.52
CA TYR A 453 18.95 -1.84 10.67
C TYR A 453 17.72 -1.50 11.50
N PHE A 454 17.22 -2.48 12.24
CA PHE A 454 16.05 -2.30 13.09
C PHE A 454 16.28 -1.20 14.13
N SER A 455 17.45 -1.24 14.76
CA SER A 455 17.81 -0.29 15.82
C SER A 455 17.79 1.15 15.34
N TYR A 456 18.59 1.43 14.32
CA TYR A 456 18.77 2.78 13.83
C TYR A 456 17.49 3.41 13.30
N PHE A 457 16.79 2.69 12.44
CA PHE A 457 15.56 3.22 11.84
C PHE A 457 14.42 3.19 12.86
N GLY A 458 14.49 2.27 13.82
CA GLY A 458 13.59 2.30 14.94
C GLY A 458 13.83 3.53 15.81
N LEU A 459 15.09 3.74 16.18
CA LEU A 459 15.45 4.87 17.03
C LEU A 459 15.21 6.20 16.32
N GLY A 460 15.57 6.25 15.03
CA GLY A 460 15.34 7.43 14.22
C GLY A 460 13.89 7.86 14.23
N SER A 461 12.98 6.91 14.07
CA SER A 461 11.56 7.19 14.02
C SER A 461 11.04 7.69 15.37
N VAL A 462 11.46 7.03 16.45
CA VAL A 462 11.11 7.48 17.79
C VAL A 462 11.57 8.92 18.01
N VAL A 463 12.84 9.19 17.67
CA VAL A 463 13.42 10.52 17.84
C VAL A 463 12.65 11.58 17.07
N LEU A 464 12.33 11.29 15.81
CA LEU A 464 11.55 12.22 15.00
C LEU A 464 10.14 12.36 15.58
N GLY A 465 9.67 11.32 16.24
CA GLY A 465 8.45 11.41 17.01
C GLY A 465 8.63 12.40 18.15
N ILE A 466 9.79 12.35 18.80
CA ILE A 466 10.11 13.29 19.87
C ILE A 466 10.27 14.70 19.31
N VAL A 467 10.90 14.81 18.14
CA VAL A 467 11.06 16.10 17.46
C VAL A 467 9.69 16.73 17.21
N LEU A 468 8.76 15.92 16.72
CA LEU A 468 7.40 16.37 16.47
C LEU A 468 6.71 16.82 17.76
N VAL A 469 7.05 16.17 18.87
CA VAL A 469 6.51 16.55 20.19
C VAL A 469 6.91 17.98 20.57
N PHE A 470 8.20 18.30 20.44
CA PHE A 470 8.70 19.68 20.60
C PHE A 470 7.91 20.66 19.75
N LEU A 471 7.62 20.26 18.52
CA LEU A 471 6.97 21.10 17.54
C LEU A 471 5.45 21.02 17.62
N SER A 472 4.96 20.04 18.38
CA SER A 472 3.51 19.84 18.55
C SER A 472 2.79 21.09 19.03
P PO4 B . 10.58 -16.87 -18.21
O1 PO4 B . 9.16 -16.37 -18.23
O2 PO4 B . 11.05 -17.20 -19.61
O3 PO4 B . 11.49 -15.81 -17.64
O4 PO4 B . 10.63 -18.11 -17.36
P PO4 C . 4.62 -23.79 -9.47
O1 PO4 C . 3.26 -23.18 -9.71
O2 PO4 C . 5.02 -23.60 -8.03
O3 PO4 C . 5.64 -23.10 -10.35
O4 PO4 C . 4.58 -25.26 -9.80
P PO4 D . 17.53 -1.44 -20.71
O1 PO4 D . 17.23 -0.04 -20.23
O2 PO4 D . 18.05 -1.36 -22.13
O3 PO4 D . 16.29 -2.37 -20.73
O4 PO4 D . 18.55 -2.00 -19.72
P PO4 E . 2.36 -4.24 3.87
O1 PO4 E . 1.47 -3.06 4.34
O2 PO4 E . 2.85 -3.96 2.44
O3 PO4 E . 1.53 -5.54 3.88
O4 PO4 E . 3.52 -4.37 4.84
O22 78N F . 24.62 -6.22 16.92
C19 78N F . 24.08 -6.79 18.14
C18 78N F . 24.56 -5.98 19.36
O20 78N F . 25.98 -5.91 19.36
C17 78N F . 23.98 -4.58 19.32
O16 78N F . 23.02 -4.45 20.35
C8 78N F . 21.94 -3.59 20.05
O15 78N F . 22.05 -2.74 19.22
C7 78N F . 20.63 -3.74 20.80
C6 78N F . 19.60 -2.73 20.28
C5 78N F . 18.20 -3.06 20.92
C4 78N F . 17.59 -1.78 21.47
C3 78N F . 16.13 -2.05 21.90
C2 78N F . 15.74 -1.06 22.98
C1 78N F . 14.43 -0.84 23.26
C9 78N F . 13.32 -1.60 22.48
C10 78N F . 11.99 -1.51 23.21
C11 78N F . 10.86 -1.80 22.22
C12 78N F . 9.65 -2.45 22.93
C13 78N F . 8.67 -1.37 23.38
C15 78N F . 6.45 -0.99 24.52
C14 78N F . 7.32 -2.02 23.78
O22 78N G . 12.74 -14.83 26.61
C19 78N G . 13.18 -13.70 25.80
C18 78N G . 12.03 -12.72 25.56
O20 78N G . 11.00 -12.94 26.52
C17 78N G . 12.53 -11.29 25.72
O16 78N G . 11.44 -10.49 26.14
C8 78N G . 11.55 -9.10 25.83
O15 78N G . 12.52 -8.48 26.15
C7 78N G . 10.44 -8.36 25.12
C6 78N G . 10.84 -6.88 25.13
C5 78N G . 9.58 -5.97 24.91
C4 78N G . 9.08 -5.47 26.27
C3 78N G . 7.56 -5.24 26.19
C2 78N G . 7.23 -3.95 26.92
C1 78N G . 5.95 -3.49 26.97
C9 78N G . 4.78 -4.25 26.29
C10 78N G . 3.50 -3.44 26.46
C11 78N G . 2.29 -4.37 26.65
C12 78N G . 1.56 -4.00 27.97
C13 78N G . 0.11 -4.46 27.93
C15 78N G . -2.21 -3.86 27.12
C14 78N G . -0.72 -3.44 27.11
O21 78M H . 13.35 -16.88 20.65
C20 78M H . 12.34 -16.48 21.61
C18 78M H . 11.97 -17.67 22.51
O19 78M H . 11.66 -18.76 21.72
C17 78M H . 10.79 -17.35 23.39
O2 78M H . 10.57 -15.96 23.41
C1 78M H . 9.20 -15.57 23.32
O1 78M H . 8.36 -16.40 23.01
C2 78M H . 8.81 -14.12 23.64
C3 78M H . 9.59 -13.19 22.75
C4 78M H . 8.61 -12.17 22.07
C5 78M H . 7.88 -11.39 23.15
C6 78M H . 8.09 -9.89 22.92
C7 78M H . 6.75 -9.25 22.45
C8 78M H . 6.44 -7.93 22.76
C9 78M H . 5.15 -7.36 22.28
C10 78M H . 4.74 -6.13 23.14
C11 78M H . 3.83 -5.16 22.29
C12 78M H . 2.34 -5.41 22.60
C13 78M H . 1.65 -4.04 22.98
C15 78M H . -0.83 -3.84 22.62
C14 78M H . 0.55 -3.69 21.96
O22 78N I . 8.47 -17.83 27.03
C19 78N I . 7.63 -18.00 25.85
C18 78N I . 6.21 -17.44 26.08
O20 78N I . 5.77 -17.67 27.42
C17 78N I . 6.23 -15.96 25.76
O16 78N I . 4.89 -15.47 25.79
C8 78N I . 4.74 -14.05 25.77
O15 78N I . 5.37 -13.35 26.49
C7 78N I . 3.75 -13.40 24.80
C6 78N I . 4.43 -12.17 24.16
C5 78N I . 3.37 -11.08 23.75
C4 78N I . 2.93 -11.29 22.30
C3 78N I . 1.52 -10.69 22.10
C2 78N I . 1.63 -9.39 21.32
C1 78N I . 0.57 -8.55 21.16
C9 78N I . -0.84 -8.88 21.77
C10 78N I . -1.64 -7.58 21.80
C11 78N I . -3.11 -7.84 21.42
C12 78N I . -4.03 -7.20 22.49
C13 78N I . -5.46 -7.10 21.96
C15 78N I . -6.79 -4.98 22.27
C14 78N I . -5.71 -5.68 21.43
O22 78N J . 9.30 -21.02 18.66
C19 78N J . 7.94 -21.08 19.13
C18 78N J . 6.95 -21.29 17.97
O20 78N J . 7.16 -22.54 17.31
C17 78N J . 5.53 -21.20 18.52
O16 78N J . 5.26 -19.83 18.76
C8 78N J . 4.09 -19.51 19.51
O15 78N J . 4.11 -19.59 20.71
C7 78N J . 2.82 -19.05 18.81
C6 78N J . 2.84 -19.44 17.32
C5 78N J . 2.92 -18.15 16.43
C4 78N J . 1.53 -17.54 16.25
C3 78N J . 1.57 -16.55 15.07
C2 78N J . 2.23 -17.20 13.87
C1 78N J . 1.87 -16.82 12.62
C9 78N J . 0.79 -15.71 12.44
C10 78N J . -0.25 -16.17 11.43
C11 78N J . -1.52 -15.34 11.59
C12 78N J . -2.73 -16.28 11.88
C13 78N J . -3.89 -15.46 12.43
C15 78N J . -4.44 -15.81 14.87
C14 78N J . -3.57 -15.03 13.88
O22 78N K . 1.43 -27.35 -12.28
C19 78N K . 2.02 -26.11 -11.81
C18 78N K . 1.24 -24.89 -12.36
O20 78N K . 1.49 -24.75 -13.76
C17 78N K . -0.24 -25.10 -12.16
O16 78N K . -0.88 -23.86 -11.94
C8 78N K . -1.76 -23.45 -12.98
O15 78N K . -1.43 -23.60 -14.11
C7 78N K . -3.11 -22.83 -12.66
C6 78N K . -3.67 -22.18 -13.93
C5 78N K . -4.74 -21.09 -13.54
C4 78N K . -6.07 -21.77 -13.19
C3 78N K . -7.19 -20.71 -13.09
C2 78N K . -7.15 -19.87 -14.35
C1 78N K . -7.99 -18.80 -14.51
C9 78N K . -9.01 -18.40 -13.41
C10 78N K . -8.67 -16.99 -12.92
C11 78N K . -9.89 -16.08 -13.02
C12 78N K . -10.30 -15.90 -14.51
C13 78N K . -11.42 -14.89 -14.60
C15 78N K . -12.11 -14.81 -17.03
C14 78N K . -11.29 -14.11 -15.94
O22 78N L . 6.58 -15.37 -21.46
C19 78N L . 6.70 -13.93 -21.54
C18 78N L . 5.34 -13.25 -21.80
O20 78N L . 4.26 -14.03 -21.27
C17 78N L . 5.40 -11.86 -21.17
O16 78N L . 4.52 -11.78 -20.09
C8 78N L . 3.31 -11.15 -20.41
O15 78N L . 2.35 -11.81 -20.65
C7 78N L . 3.21 -9.64 -20.46
C6 78N L . 1.72 -9.28 -20.56
C5 78N L . 1.45 -7.91 -19.82
C4 78N L . 1.27 -6.79 -20.83
C3 78N L . 0.54 -5.61 -20.17
C2 78N L . 1.35 -4.33 -20.33
C1 78N L . 0.72 -3.13 -20.37
C9 78N L . -0.83 -3.05 -20.25
C10 78N L . -1.25 -1.59 -20.37
C11 78N L . -2.73 -1.44 -19.99
C12 78N L . -3.45 -0.62 -21.08
C13 78N L . -4.56 0.21 -20.44
C15 78N L . -4.67 2.51 -21.48
C14 78N L . -4.09 1.68 -20.32
O22 78N M . 14.39 -8.41 -14.73
C19 78N M . 13.03 -8.19 -15.18
C18 78N M . 12.06 -8.24 -13.98
O20 78N M . 12.81 -8.29 -12.75
C17 78N M . 11.20 -6.99 -13.97
O16 78N M . 10.83 -6.66 -12.65
C8 78N M . 10.40 -5.31 -12.49
O15 78N M . 9.80 -4.77 -13.36
C7 78N M . 10.72 -4.59 -11.19
C6 78N M . 10.56 -3.07 -11.35
C5 78N M . 9.05 -2.72 -11.12
C4 78N M . 8.90 -1.24 -10.78
C3 78N M . 7.47 -0.81 -11.15
C2 78N M . 7.38 -0.86 -12.65
C1 78N M . 6.89 0.19 -13.33
C9 78N M . 6.43 1.45 -12.56
C10 78N M . 6.23 2.56 -13.57
C11 78N M . 4.83 3.12 -13.36
C12 78N M . 4.95 4.50 -12.67
C13 78N M . 3.74 4.74 -11.77
C15 78N M . 1.66 6.15 -11.73
C14 78N M . 2.58 5.30 -12.62
O22 78N N . 18.96 -4.98 -17.12
C19 78N N . 18.01 -3.89 -16.97
C18 78N N . 16.61 -4.30 -17.49
O20 78N N . 16.58 -5.69 -17.80
C17 78N N . 15.59 -4.00 -16.40
O16 78N N . 14.50 -3.30 -16.95
C8 78N N . 13.24 -3.87 -16.61
O15 78N N . 13.11 -5.06 -16.61
C7 78N N . 12.09 -2.95 -16.24
C6 78N N . 12.64 -1.80 -15.38
C5 78N N . 11.47 -0.84 -14.93
C4 78N N . 10.98 0.01 -16.10
C3 78N N . 10.30 1.29 -15.58
C2 78N N . 10.19 2.32 -16.69
C1 78N N . 8.98 2.64 -17.23
C9 78N N . 7.70 1.93 -16.70
C10 78N N . 6.44 2.46 -17.38
C11 78N N . 6.14 3.92 -17.03
C12 78N N . 5.27 4.53 -18.16
C13 78N N . 3.98 5.14 -17.61
C15 78N N . 2.27 3.64 -16.49
C14 78N N . 2.78 4.18 -17.83
O22 78N O . 29.85 9.85 -20.13
C19 78N O . 29.71 8.42 -20.21
C18 78N O . 29.54 7.98 -21.69
O20 78N O . 29.10 6.63 -21.74
C17 78N O . 28.53 8.87 -22.40
O16 78N O . 27.79 8.07 -23.31
C8 78N O . 26.88 8.78 -24.13
O15 78N O . 26.54 8.32 -25.18
C7 78N O . 26.33 10.13 -23.68
C6 78N O . 25.38 10.68 -24.77
C5 78N O . 24.30 11.61 -24.10
C4 78N O . 24.98 12.58 -23.13
C3 78N O . 23.91 13.45 -22.44
C2 78N O . 24.48 14.09 -21.19
C1 78N O . 23.71 14.92 -20.45
C9 78N O . 22.24 15.20 -20.88
C10 78N O . 21.33 15.29 -19.66
C11 78N O . 19.87 15.35 -20.13
C12 78N O . 18.95 14.75 -19.02
C13 78N O . 17.56 14.49 -19.60
C15 78N O . 15.31 15.62 -19.51
C14 78N O . 16.81 15.84 -19.76
O22 78N P . 24.16 0.15 -13.73
C19 78N P . 24.57 0.79 -12.50
C18 78N P . 23.34 1.42 -11.81
O20 78N P . 23.33 1.07 -10.42
C17 78N P . 23.38 2.93 -11.97
O16 78N P . 23.13 3.55 -10.72
C8 78N P . 21.92 4.30 -10.67
O15 78N P . 21.19 4.18 -9.74
C7 78N P . 21.57 5.29 -11.78
C6 78N P . 20.86 6.50 -11.13
C5 78N P . 19.74 7.05 -12.09
C4 78N P . 18.77 7.90 -11.27
C3 78N P . 17.86 8.74 -12.19
C2 78N P . 18.71 9.62 -13.07
C1 78N P . 18.40 10.94 -13.25
C9 78N P . 17.17 11.56 -12.55
C10 78N P . 17.38 13.06 -12.37
C11 78N P . 16.83 13.82 -13.58
C12 78N P . 18.02 14.35 -14.43
C13 78N P . 17.50 15.37 -15.45
C15 78N P . 16.43 17.63 -15.64
C14 78N P . 16.66 16.43 -14.72
O21 78M Q . -22.98 -5.52 -21.32
C20 78M Q . -22.84 -6.27 -20.10
C18 78M Q . -23.36 -7.69 -20.29
O19 78M Q . -24.63 -7.81 -19.75
C17 78M Q . -22.44 -8.67 -19.61
O2 78M Q . -22.45 -8.46 -18.21
C1 78M Q . -21.17 -8.24 -17.62
O1 78M Q . -20.37 -7.45 -18.13
C2 78M Q . -20.79 -9.00 -16.33
C3 78M Q . -19.35 -8.70 -15.92
C4 78M Q . -19.02 -9.52 -14.62
C5 78M Q . -17.60 -9.21 -14.12
C6 78M Q . -16.58 -9.96 -14.98
C7 78M Q . -15.55 -8.94 -15.56
C8 78M Q . -14.69 -9.31 -16.58
C9 78M Q . -14.72 -10.69 -17.16
C10 78M Q . -13.32 -11.33 -17.05
C11 78M Q . -12.70 -11.56 -18.48
C12 78M Q . -11.16 -11.56 -18.39
C13 78M Q . -10.53 -12.31 -19.63
C15 78M Q . -8.35 -13.15 -20.57
C14 78M Q . -9.09 -12.75 -19.29
O22 78N R . -21.10 -0.06 -11.01
C19 78N R . -21.83 -1.17 -11.58
C18 78N R . -21.59 -1.20 -13.10
O20 78N R . -22.78 -0.81 -13.80
C17 78N R . -20.46 -0.23 -13.45
O16 78N R . -19.49 -0.92 -14.21
C8 78N R . -19.14 -0.30 -15.43
O15 78N R . -19.37 0.86 -15.60
C7 78N R . -18.46 -1.09 -16.53
C6 78N R . -19.48 -1.92 -17.32
C5 78N R . -18.80 -2.44 -18.64
C4 78N R . -18.84 -3.97 -18.69
C3 78N R . -18.29 -4.46 -20.04
C2 78N R . -18.78 -5.89 -20.29
C1 78N R . -17.88 -6.85 -20.61
C9 78N R . -16.38 -6.49 -20.71
C10 78N R . -15.57 -7.57 -19.99
C11 78N R . -14.14 -7.07 -19.82
C12 78N R . -13.20 -7.79 -20.83
C13 78N R . -12.03 -8.39 -20.06
C15 78N R . -9.94 -7.81 -21.35
C14 78N R . -10.96 -8.92 -21.04
O22 78N S . -16.34 16.34 -22.40
C19 78N S . -15.15 16.48 -23.22
C18 78N S . -13.90 16.07 -22.40
O20 78N S . -14.28 15.64 -21.10
C17 78N S . -13.15 14.98 -23.17
O16 78N S . -12.17 14.33 -22.38
C8 78N S . -11.62 13.18 -22.99
O15 78N S . -12.30 12.20 -23.09
C7 78N S . -10.20 13.19 -23.53
C6 78N S . -9.23 12.81 -22.39
C5 78N S . -7.75 13.17 -22.78
C4 78N S . -6.85 12.99 -21.56
C3 78N S . -6.56 11.50 -21.32
C2 78N S . -5.24 11.37 -20.58
C1 78N S . -4.38 10.35 -20.86
C9 78N S . -4.76 9.30 -21.95
C10 78N S . -3.70 8.19 -21.95
C11 78N S . -4.04 7.13 -23.02
C12 78N S . -2.83 6.16 -23.13
C13 78N S . -2.98 5.31 -24.39
C15 78N S . -1.65 3.67 -25.75
C14 78N S . -1.56 4.92 -24.89
O22 78N T . -16.25 15.38 -27.92
C19 78N T . -15.30 14.32 -28.14
C18 78N T . -14.00 14.65 -27.38
O20 78N T . -14.22 14.52 -25.97
C17 78N T . -12.86 13.74 -27.80
O16 78N T . -11.76 13.99 -26.95
C8 78N T . -10.48 13.77 -27.52
O15 78N T . -10.25 12.73 -28.07
C7 78N T . -9.41 14.83 -27.44
C6 78N T . -8.19 14.29 -26.66
C5 78N T . -7.15 13.69 -27.67
C4 78N T . -6.84 12.25 -27.28
C3 78N T . -5.71 12.24 -26.23
C2 78N T . -5.58 10.88 -25.61
C1 78N T . -4.34 10.34 -25.41
C9 78N T . -3.08 11.15 -25.85
C10 78N T . -1.93 10.98 -24.84
C11 78N T . -0.61 10.77 -25.59
C12 78N T . 0.59 10.68 -24.60
C13 78N T . 0.83 9.22 -24.17
C15 78N T . 0.75 7.76 -22.11
C14 78N T . 0.10 8.95 -22.84
O22 78N U . -6.66 16.65 -7.94
C19 78N U . -6.01 15.56 -8.64
C18 78N U . -4.57 15.96 -9.00
O20 78N U . -3.78 16.11 -7.82
C17 78N U . -3.96 14.90 -9.91
O16 78N U . -3.74 15.47 -11.19
C8 78N U . -3.49 14.54 -12.23
O15 78N U . -2.88 13.53 -12.00
C7 78N U . -4.00 14.82 -13.64
C6 78N U . -3.09 14.20 -14.72
C5 78N U . -3.50 12.70 -14.98
C4 78N U . -3.70 12.46 -16.47
C3 78N U . -3.97 10.96 -16.74
C2 78N U . -2.77 10.32 -17.39
C1 78N U . -2.51 9.01 -17.12
C9 78N U . -3.45 8.23 -16.15
C10 78N U . -3.26 6.74 -16.36
C11 78N U . -4.13 6.26 -17.53
C12 78N U . -3.77 4.79 -17.88
C13 78N U . -2.83 4.77 -19.08
C15 78N U . -0.46 4.39 -19.81
C14 78N U . -1.38 4.51 -18.60
N ASP V . -2.57 -2.51 7.17
CA ASP V . -2.69 -2.77 5.74
C ASP V . -3.78 -1.90 5.11
O ASP V . -4.96 -2.22 5.15
CB ASP V . -2.99 -4.24 5.48
CG ASP V . -1.73 -5.07 5.32
OD1 ASP V . -0.63 -4.47 5.26
OD2 ASP V . -1.83 -6.31 5.26
N GLU W . -3.33 -0.78 4.55
CA GLU W . -4.20 0.13 3.84
C GLU W . -4.79 -0.54 2.59
O GLU W . -5.86 -0.16 2.11
CB GLU W . -3.45 1.40 3.45
CG GLU W . -2.08 1.14 2.84
CD GLU W . -1.40 2.42 2.36
OE1 GLU W . -2.13 3.40 2.10
OE2 GLU W . -0.16 2.43 2.24
OXT GLU W . -4.23 -1.49 2.06
#